data_1QNB
#
_entry.id   1QNB
#
_cell.length_a   41.800
_cell.length_b   146.700
_cell.length_c   57.400
_cell.angle_alpha   90.00
_cell.angle_beta   90.50
_cell.angle_gamma   90.00
#
_symmetry.space_group_name_H-M   'P 1 21 1'
#
loop_
_entity.id
_entity.type
_entity.pdbx_description
1 polymer 'TRANSCRIPTION INITIATION FACTOR TFIID-1'
2 polymer "DNA (5'-D(*GP*CP*TP*AP*TP*AP*AP*AP*TP*GP*GP*GP*CP*A)-3')"
3 polymer "DNA (5'-D(*TP*GP*CP*CP*CP*AP*TP*TP*TP*AP*TP*AP*GP*C)-3')"
4 water water
#
loop_
_entity_poly.entity_id
_entity_poly.type
_entity_poly.pdbx_seq_one_letter_code
_entity_poly.pdbx_strand_id
1 'polypeptide(L)'
;MTDQGLEGSNPVDLSKHPSGIVPTLQNIVSTVNLDCKLDLKAIALQARNAEYNPKRFAAVIMRIREPKTTALIFASGKMV
CTGAKSEDFSKMAARKYARIVQKLGFPAKFKDFKIQNIVGSCDVKFPIRLEGLAYSHAAFSSYEPELFPGLIYRMKVPKI
VLLIFVSGKIVITGAKMRDETYKAFENIYPVLSEFRKIQQ
;
A,B
2 'polydeoxyribonucleotide' (DG)(DC)(DT)(DA)(DT)(DA)(DA)(DA)(DT)(DG)(DG)(DG)(DC)(DA) C,E
3 'polydeoxyribonucleotide' (DT)(DG)(DC)(DC)(DC)(DA)(DT)(DT)(DT)(DA)(DT)(DA)(DG)(DC) D,F
#
# COMPACT_ATOMS: atom_id res chain seq x y z
N LYS A 16 -10.73 6.23 -0.90
CA LYS A 16 -10.66 6.83 0.48
C LYS A 16 -9.63 6.13 1.39
N HIS A 17 -9.68 4.80 1.45
CA HIS A 17 -8.73 4.05 2.26
C HIS A 17 -8.10 2.98 1.38
N PRO A 18 -7.18 3.38 0.48
CA PRO A 18 -6.47 2.50 -0.46
C PRO A 18 -5.90 1.21 0.13
N SER A 19 -5.46 1.28 1.39
CA SER A 19 -4.88 0.13 2.09
C SER A 19 -5.94 -0.90 2.46
N GLY A 20 -7.20 -0.44 2.46
CA GLY A 20 -8.31 -1.29 2.80
C GLY A 20 -8.47 -1.45 4.30
N ILE A 21 -7.78 -0.59 5.04
CA ILE A 21 -7.84 -0.62 6.49
C ILE A 21 -8.24 0.77 6.92
N VAL A 22 -9.12 0.84 7.92
CA VAL A 22 -9.57 2.12 8.45
C VAL A 22 -9.20 2.16 9.91
N PRO A 23 -8.36 3.12 10.32
CA PRO A 23 -7.95 3.22 11.73
C PRO A 23 -9.20 3.35 12.63
N THR A 24 -9.21 2.65 13.75
CA THR A 24 -10.35 2.71 14.68
C THR A 24 -10.12 3.84 15.68
N LEU A 25 -11.08 4.76 15.80
CA LEU A 25 -10.95 5.87 16.75
C LEU A 25 -11.12 5.32 18.15
N GLN A 26 -10.18 5.61 19.03
CA GLN A 26 -10.22 5.07 20.40
C GLN A 26 -10.41 6.05 21.54
N ASN A 27 -10.00 7.30 21.33
CA ASN A 27 -10.06 8.30 22.39
C ASN A 27 -10.14 9.68 21.78
N ILE A 28 -11.00 10.54 22.33
CA ILE A 28 -11.15 11.89 21.83
C ILE A 28 -11.07 12.82 23.02
N VAL A 29 -10.22 13.85 22.93
CA VAL A 29 -10.08 14.85 23.97
C VAL A 29 -10.61 16.14 23.37
N SER A 30 -11.61 16.72 24.00
CA SER A 30 -12.18 17.98 23.52
C SER A 30 -12.21 18.95 24.71
N THR A 31 -12.43 20.23 24.42
CA THR A 31 -12.49 21.23 25.47
C THR A 31 -13.64 22.16 25.18
N VAL A 32 -14.20 22.74 26.23
CA VAL A 32 -15.29 23.69 26.09
C VAL A 32 -15.22 24.67 27.26
N ASN A 33 -15.72 25.87 27.00
CA ASN A 33 -15.72 26.92 27.99
C ASN A 33 -17.15 27.12 28.48
N LEU A 34 -17.36 26.85 29.76
CA LEU A 34 -18.70 26.99 30.36
C LEU A 34 -19.01 28.48 30.52
N ASP A 35 -17.97 29.29 30.37
CA ASP A 35 -18.09 30.72 30.41
C ASP A 35 -18.71 31.29 31.70
N CYS A 36 -18.32 30.73 32.84
CA CYS A 36 -18.80 31.21 34.13
C CYS A 36 -17.89 30.56 35.14
N LYS A 37 -17.51 31.31 36.16
CA LYS A 37 -16.61 30.77 37.17
C LYS A 37 -17.35 29.71 38.00
N LEU A 38 -16.62 28.69 38.44
CA LEU A 38 -17.21 27.58 39.19
C LEU A 38 -16.65 27.39 40.59
N ASP A 39 -17.52 26.96 41.50
CA ASP A 39 -17.14 26.70 42.88
C ASP A 39 -16.93 25.20 42.91
N LEU A 40 -15.67 24.79 42.79
CA LEU A 40 -15.28 23.38 42.74
C LEU A 40 -15.62 22.60 44.01
N LYS A 41 -15.50 23.27 45.14
CA LYS A 41 -15.78 22.65 46.42
C LYS A 41 -17.28 22.38 46.58
N ALA A 42 -18.11 23.24 45.99
CA ALA A 42 -19.56 23.08 46.04
C ALA A 42 -20.01 22.02 45.04
N ILE A 43 -19.25 21.90 43.94
CA ILE A 43 -19.57 20.91 42.92
C ILE A 43 -19.20 19.50 43.39
N ALA A 44 -18.09 19.39 44.11
CA ALA A 44 -17.63 18.11 44.64
C ALA A 44 -18.54 17.59 45.76
N LEU A 45 -19.20 18.50 46.49
CA LEU A 45 -20.10 18.14 47.57
C LEU A 45 -21.44 17.66 47.00
N GLN A 46 -22.06 18.51 46.20
CA GLN A 46 -23.36 18.23 45.59
C GLN A 46 -23.37 17.12 44.54
N ALA A 47 -22.40 17.12 43.62
CA ALA A 47 -22.33 16.10 42.58
C ALA A 47 -21.85 14.79 43.17
N ARG A 48 -22.38 13.67 42.68
CA ARG A 48 -21.99 12.38 43.20
C ARG A 48 -20.96 11.70 42.33
N ASN A 49 -21.04 11.95 41.04
CA ASN A 49 -20.12 11.37 40.07
C ASN A 49 -18.84 12.21 39.95
N ALA A 50 -18.39 12.76 41.09
CA ALA A 50 -17.22 13.63 41.14
C ALA A 50 -16.18 13.24 42.20
N GLU A 51 -15.04 13.93 42.18
CA GLU A 51 -13.95 13.71 43.12
C GLU A 51 -12.93 14.84 42.98
N TYR A 52 -12.87 15.71 43.99
CA TYR A 52 -12.00 16.86 43.99
C TYR A 52 -10.95 16.82 45.07
N ASN A 53 -9.69 16.81 44.65
CA ASN A 53 -8.55 16.75 45.56
C ASN A 53 -7.52 17.73 45.00
N PRO A 54 -7.74 19.03 45.24
CA PRO A 54 -6.88 20.12 44.79
C PRO A 54 -5.39 20.02 45.10
N LYS A 55 -5.04 19.37 46.20
CA LYS A 55 -3.64 19.22 46.55
C LYS A 55 -2.94 18.39 45.50
N ARG A 56 -3.70 17.61 44.76
CA ARG A 56 -3.11 16.77 43.73
C ARG A 56 -3.33 17.36 42.35
N PHE A 57 -4.53 17.84 42.09
CA PHE A 57 -4.85 18.44 40.81
C PHE A 57 -5.96 19.46 41.02
N ALA A 58 -5.83 20.60 40.36
CA ALA A 58 -6.77 21.69 40.51
C ALA A 58 -8.14 21.49 39.90
N ALA A 59 -8.50 20.26 39.55
CA ALA A 59 -9.79 20.03 38.90
C ALA A 59 -10.76 19.09 39.60
N VAL A 60 -12.05 19.23 39.27
CA VAL A 60 -13.06 18.32 39.77
C VAL A 60 -13.08 17.29 38.64
N ILE A 61 -12.94 16.02 39.00
CA ILE A 61 -12.95 14.93 38.03
C ILE A 61 -14.33 14.27 38.09
N MET A 62 -15.09 14.40 37.02
CA MET A 62 -16.43 13.84 36.95
C MET A 62 -16.47 12.78 35.85
N ARG A 63 -17.35 11.79 35.97
CA ARG A 63 -17.45 10.74 34.95
C ARG A 63 -18.91 10.41 34.70
N ILE A 64 -19.23 10.01 33.47
CA ILE A 64 -20.58 9.57 33.11
C ILE A 64 -20.50 8.24 32.38
N ARG A 65 -21.59 7.48 32.40
CA ARG A 65 -21.63 6.16 31.79
C ARG A 65 -21.78 6.09 30.29
N GLU A 66 -22.59 6.98 29.72
CA GLU A 66 -22.82 6.98 28.29
C GLU A 66 -22.92 8.41 27.80
N PRO A 67 -21.99 8.85 26.94
CA PRO A 67 -20.84 8.09 26.42
C PRO A 67 -19.83 7.97 27.55
N LYS A 68 -19.23 6.79 27.70
CA LYS A 68 -18.27 6.57 28.77
C LYS A 68 -17.13 7.56 28.64
N THR A 69 -17.16 8.60 29.47
CA THR A 69 -16.14 9.64 29.43
C THR A 69 -15.74 10.14 30.81
N THR A 70 -14.77 11.05 30.86
CA THR A 70 -14.31 11.65 32.08
C THR A 70 -14.09 13.12 31.76
N ALA A 71 -14.55 14.01 32.64
CA ALA A 71 -14.42 15.45 32.47
C ALA A 71 -13.56 16.02 33.59
N LEU A 72 -12.80 17.06 33.29
CA LEU A 72 -11.95 17.75 34.28
C LEU A 72 -12.54 19.13 34.25
N ILE A 73 -13.15 19.54 35.36
CA ILE A 73 -13.81 20.84 35.47
C ILE A 73 -12.97 21.78 36.32
N PHE A 74 -12.71 22.97 35.80
CA PHE A 74 -11.88 23.92 36.52
C PHE A 74 -12.68 25.14 36.99
N ALA A 75 -12.20 25.80 38.04
CA ALA A 75 -12.87 26.96 38.62
C ALA A 75 -13.08 28.09 37.61
N SER A 76 -12.27 28.11 36.57
CA SER A 76 -12.35 29.13 35.53
C SER A 76 -13.53 28.96 34.61
N GLY A 77 -14.14 27.78 34.64
CA GLY A 77 -15.27 27.50 33.75
C GLY A 77 -14.82 26.63 32.59
N LYS A 78 -13.50 26.45 32.49
CA LYS A 78 -12.87 25.63 31.47
C LYS A 78 -13.07 24.13 31.79
N MET A 79 -13.25 23.33 30.75
CA MET A 79 -13.48 21.90 30.93
C MET A 79 -12.83 21.07 29.83
N VAL A 80 -12.25 19.93 30.22
CA VAL A 80 -11.61 18.98 29.31
C VAL A 80 -12.47 17.71 29.33
N CYS A 81 -12.75 17.16 28.14
CA CYS A 81 -13.52 15.91 28.01
C CYS A 81 -12.64 14.86 27.30
N THR A 82 -12.36 13.75 27.99
CA THR A 82 -11.51 12.68 27.47
C THR A 82 -12.24 11.33 27.46
N GLY A 83 -11.78 10.38 26.65
CA GLY A 83 -12.39 9.06 26.66
C GLY A 83 -13.39 8.62 25.61
N ALA A 84 -14.09 9.56 25.00
CA ALA A 84 -15.10 9.24 24.00
C ALA A 84 -14.46 8.60 22.78
N LYS A 85 -15.25 7.77 22.08
CA LYS A 85 -14.74 7.09 20.92
C LYS A 85 -15.03 7.73 19.58
N SER A 86 -15.64 8.92 19.61
CA SER A 86 -15.93 9.68 18.40
C SER A 86 -16.11 11.14 18.79
N GLU A 87 -15.96 12.01 17.80
CA GLU A 87 -16.06 13.46 17.98
C GLU A 87 -17.46 13.83 18.46
N ASP A 88 -18.46 13.22 17.85
CA ASP A 88 -19.84 13.47 18.23
C ASP A 88 -20.07 13.02 19.65
N PHE A 89 -19.53 11.86 20.01
CA PHE A 89 -19.66 11.32 21.37
C PHE A 89 -19.04 12.24 22.41
N SER A 90 -17.92 12.86 22.03
CA SER A 90 -17.21 13.79 22.88
C SER A 90 -18.08 15.03 23.15
N LYS A 91 -18.57 15.67 22.10
CA LYS A 91 -19.41 16.86 22.22
C LYS A 91 -20.65 16.56 23.02
N MET A 92 -21.26 15.42 22.71
CA MET A 92 -22.47 14.95 23.39
C MET A 92 -22.21 14.80 24.89
N ALA A 93 -21.08 14.18 25.23
CA ALA A 93 -20.70 13.97 26.63
C ALA A 93 -20.43 15.32 27.29
N ALA A 94 -19.72 16.19 26.59
CA ALA A 94 -19.40 17.51 27.09
C ALA A 94 -20.67 18.29 27.42
N ARG A 95 -21.69 18.10 26.61
CA ARG A 95 -22.97 18.78 26.80
C ARG A 95 -23.65 18.27 28.07
N LYS A 96 -23.51 16.97 28.33
CA LYS A 96 -24.10 16.37 29.51
C LYS A 96 -23.45 16.96 30.76
N TYR A 97 -22.13 17.07 30.74
CA TYR A 97 -21.42 17.65 31.89
C TYR A 97 -21.88 19.07 32.14
N ALA A 98 -22.04 19.83 31.06
CA ALA A 98 -22.48 21.21 31.14
C ALA A 98 -23.87 21.33 31.76
N ARG A 99 -24.74 20.36 31.48
CA ARG A 99 -26.12 20.35 32.00
C ARG A 99 -26.11 20.01 33.48
N ILE A 100 -25.22 19.11 33.88
CA ILE A 100 -25.06 18.70 35.27
C ILE A 100 -24.57 19.93 36.05
N VAL A 101 -23.61 20.64 35.47
CA VAL A 101 -23.07 21.85 36.10
C VAL A 101 -24.20 22.87 36.22
N GLN A 102 -24.94 23.03 35.12
CA GLN A 102 -26.07 23.95 35.07
C GLN A 102 -27.09 23.59 36.15
N LYS A 103 -27.38 22.30 36.28
CA LYS A 103 -28.35 21.86 37.27
C LYS A 103 -27.85 22.07 38.68
N LEU A 104 -26.54 22.03 38.86
CA LEU A 104 -25.96 22.23 40.17
C LEU A 104 -26.14 23.66 40.66
N GLY A 105 -26.48 24.57 39.75
CA GLY A 105 -26.68 25.95 40.13
C GLY A 105 -25.91 27.03 39.38
N PHE A 106 -25.04 26.65 38.45
CA PHE A 106 -24.24 27.63 37.72
C PHE A 106 -24.77 27.98 36.35
N PRO A 107 -24.63 29.25 35.93
CA PRO A 107 -25.08 29.73 34.61
C PRO A 107 -24.06 29.30 33.55
N ALA A 108 -23.96 27.99 33.34
CA ALA A 108 -23.02 27.43 32.39
C ALA A 108 -23.53 27.45 30.95
N LYS A 109 -22.62 27.80 30.03
CA LYS A 109 -22.91 27.85 28.61
C LYS A 109 -22.11 26.73 27.96
N PHE A 110 -22.04 26.74 26.63
CA PHE A 110 -21.27 25.74 25.88
C PHE A 110 -20.54 26.53 24.81
N LYS A 111 -19.56 27.30 25.26
CA LYS A 111 -18.76 28.14 24.40
C LYS A 111 -17.46 27.54 23.88
N ASP A 112 -17.21 27.73 22.58
CA ASP A 112 -16.00 27.29 21.92
C ASP A 112 -15.70 25.81 22.02
N PHE A 113 -16.67 24.97 21.71
CA PHE A 113 -16.39 23.54 21.77
C PHE A 113 -15.34 23.24 20.72
N LYS A 114 -14.26 22.56 21.13
CA LYS A 114 -13.18 22.23 20.22
C LYS A 114 -12.62 20.84 20.44
N ILE A 115 -12.47 20.08 19.36
CA ILE A 115 -11.87 18.75 19.41
C ILE A 115 -10.36 19.02 19.42
N GLN A 116 -9.68 18.56 20.46
CA GLN A 116 -8.24 18.80 20.64
C GLN A 116 -7.30 17.67 20.25
N ASN A 117 -7.75 16.42 20.36
CA ASN A 117 -6.91 15.28 20.01
C ASN A 117 -7.75 14.03 19.76
N ILE A 118 -7.39 13.31 18.70
CA ILE A 118 -8.07 12.09 18.33
C ILE A 118 -6.99 11.02 18.31
N VAL A 119 -7.27 9.88 18.93
CA VAL A 119 -6.33 8.77 18.99
C VAL A 119 -6.95 7.62 18.22
N GLY A 120 -6.20 7.03 17.30
CA GLY A 120 -6.70 5.93 16.53
C GLY A 120 -5.71 4.80 16.55
N SER A 121 -6.11 3.64 16.05
CA SER A 121 -5.21 2.50 16.02
C SER A 121 -5.72 1.51 15.00
N CYS A 122 -4.82 0.72 14.43
CA CYS A 122 -5.19 -0.31 13.46
C CYS A 122 -4.14 -1.40 13.42
N ASP A 123 -4.44 -2.48 12.71
CA ASP A 123 -3.56 -3.62 12.61
C ASP A 123 -3.33 -3.91 11.14
N VAL A 124 -2.07 -3.83 10.71
CA VAL A 124 -1.73 -4.10 9.30
C VAL A 124 -1.55 -5.61 9.06
N LYS A 125 -1.66 -6.35 10.15
CA LYS A 125 -1.59 -7.80 10.10
C LYS A 125 -0.33 -8.45 9.56
N PHE A 126 0.78 -7.74 9.70
CA PHE A 126 2.08 -8.26 9.31
C PHE A 126 3.14 -7.64 10.22
N PRO A 127 4.23 -8.36 10.46
CA PRO A 127 5.33 -7.90 11.31
C PRO A 127 6.17 -6.84 10.63
N ILE A 128 6.76 -5.97 11.44
CA ILE A 128 7.58 -4.86 10.95
C ILE A 128 9.01 -4.96 11.48
N ARG A 129 9.95 -4.59 10.63
CA ARG A 129 11.37 -4.53 10.97
C ARG A 129 11.62 -3.10 11.40
N LEU A 130 11.30 -2.80 12.65
CA LEU A 130 11.45 -1.46 13.22
C LEU A 130 12.82 -0.84 13.09
N GLU A 131 13.87 -1.62 13.32
CA GLU A 131 15.22 -1.08 13.22
C GLU A 131 15.55 -0.58 11.82
N GLY A 132 15.13 -1.32 10.80
CA GLY A 132 15.38 -0.90 9.44
C GLY A 132 14.54 0.31 9.11
N LEU A 133 13.30 0.33 9.61
CA LEU A 133 12.43 1.46 9.36
C LEU A 133 13.03 2.71 10.00
N ALA A 134 13.51 2.57 11.23
CA ALA A 134 14.08 3.69 11.95
C ALA A 134 15.31 4.24 11.24
N TYR A 135 16.18 3.34 10.81
CA TYR A 135 17.42 3.70 10.14
C TYR A 135 17.22 4.44 8.83
N SER A 136 16.22 4.00 8.06
CA SER A 136 15.94 4.62 6.77
C SER A 136 15.20 5.95 6.91
N HIS A 137 14.57 6.15 8.07
CA HIS A 137 13.81 7.38 8.36
C HIS A 137 14.27 7.99 9.67
N ALA A 138 15.57 8.19 9.82
CA ALA A 138 16.15 8.74 11.03
C ALA A 138 15.66 10.14 11.38
N ALA A 139 15.30 10.91 10.39
CA ALA A 139 14.83 12.26 10.64
C ALA A 139 13.42 12.27 11.30
N PHE A 140 12.73 11.15 11.24
CA PHE A 140 11.38 11.05 11.79
C PHE A 140 11.21 10.04 12.92
N SER A 141 12.15 9.11 13.04
CA SER A 141 12.05 8.05 14.01
C SER A 141 12.87 8.17 15.27
N SER A 142 12.39 7.45 16.30
CA SER A 142 13.04 7.32 17.59
C SER A 142 12.64 5.90 18.00
N TYR A 143 13.60 5.01 17.96
CA TYR A 143 13.35 3.64 18.33
C TYR A 143 14.44 3.27 19.34
N GLU A 144 14.05 3.21 20.60
CA GLU A 144 14.96 2.86 21.69
C GLU A 144 14.24 1.69 22.35
N PRO A 145 14.24 0.52 21.72
CA PRO A 145 13.57 -0.66 22.28
C PRO A 145 13.71 -0.94 23.77
N GLU A 146 14.89 -0.67 24.34
CA GLU A 146 15.07 -0.92 25.77
C GLU A 146 14.22 -0.04 26.68
N LEU A 147 13.79 1.12 26.17
CA LEU A 147 12.94 2.04 26.95
C LEU A 147 11.45 1.76 26.68
N PHE A 148 11.05 1.90 25.42
CA PHE A 148 9.69 1.67 24.98
C PHE A 148 9.82 0.77 23.73
N PRO A 149 9.05 -0.33 23.68
CA PRO A 149 9.11 -1.26 22.55
C PRO A 149 8.58 -0.76 21.19
N GLY A 150 7.93 0.40 21.17
CA GLY A 150 7.43 0.91 19.90
C GLY A 150 8.32 1.97 19.27
N LEU A 151 8.30 2.06 17.96
CA LEU A 151 9.06 3.07 17.27
C LEU A 151 8.18 4.32 17.23
N ILE A 152 8.78 5.49 17.46
CA ILE A 152 8.08 6.75 17.45
C ILE A 152 8.35 7.44 16.11
N TYR A 153 7.32 7.58 15.29
CA TYR A 153 7.45 8.21 13.99
C TYR A 153 6.66 9.51 14.03
N ARG A 154 7.38 10.62 14.00
CA ARG A 154 6.75 11.94 14.04
C ARG A 154 6.64 12.44 12.61
N MET A 155 5.47 12.21 12.03
CA MET A 155 5.21 12.60 10.65
C MET A 155 5.03 14.11 10.54
N LYS A 156 5.58 14.69 9.47
CA LYS A 156 5.50 16.12 9.26
C LYS A 156 4.26 16.54 8.51
N VAL A 157 3.79 15.72 7.57
CA VAL A 157 2.59 16.05 6.82
C VAL A 157 1.66 14.86 6.67
N PRO A 158 0.57 14.83 7.46
CA PRO A 158 0.23 15.88 8.44
C PRO A 158 1.09 15.73 9.70
N LYS A 159 1.06 16.73 10.57
CA LYS A 159 1.82 16.69 11.82
C LYS A 159 1.10 15.70 12.73
N ILE A 160 1.48 14.42 12.60
CA ILE A 160 0.87 13.32 13.35
C ILE A 160 1.97 12.38 13.87
N VAL A 161 1.83 11.91 15.12
CA VAL A 161 2.79 10.97 15.69
C VAL A 161 2.22 9.54 15.64
N LEU A 162 2.99 8.62 15.08
CA LEU A 162 2.56 7.24 14.96
C LEU A 162 3.47 6.36 15.79
N LEU A 163 2.89 5.42 16.55
CA LEU A 163 3.65 4.49 17.38
C LEU A 163 3.57 3.20 16.61
N ILE A 164 4.70 2.69 16.16
CA ILE A 164 4.76 1.48 15.34
C ILE A 164 5.40 0.31 16.11
N PHE A 165 4.68 -0.81 16.17
CA PHE A 165 5.13 -1.99 16.89
C PHE A 165 5.49 -3.11 15.94
N VAL A 166 6.32 -4.04 16.40
CA VAL A 166 6.75 -5.19 15.59
C VAL A 166 5.58 -6.06 15.14
N SER A 167 4.56 -6.13 16.01
CA SER A 167 3.35 -6.90 15.76
C SER A 167 2.54 -6.45 14.54
N GLY A 168 2.78 -5.23 14.06
CA GLY A 168 2.00 -4.73 12.95
C GLY A 168 0.86 -3.83 13.45
N LYS A 169 0.80 -3.65 14.77
CA LYS A 169 -0.20 -2.79 15.40
C LYS A 169 0.30 -1.34 15.45
N ILE A 170 -0.56 -0.42 15.04
CA ILE A 170 -0.18 0.98 14.95
C ILE A 170 -1.11 1.91 15.72
N VAL A 171 -0.55 2.86 16.44
CA VAL A 171 -1.33 3.85 17.16
C VAL A 171 -1.03 5.17 16.46
N ILE A 172 -2.07 5.96 16.21
CA ILE A 172 -1.95 7.25 15.51
C ILE A 172 -2.58 8.32 16.41
N THR A 173 -1.79 9.31 16.81
CA THR A 173 -2.31 10.36 17.68
C THR A 173 -1.85 11.77 17.27
N GLY A 174 -2.51 12.77 17.84
CA GLY A 174 -2.18 14.16 17.56
C GLY A 174 -3.14 14.84 16.62
N ALA A 175 -4.00 14.08 15.96
CA ALA A 175 -4.95 14.64 15.01
C ALA A 175 -6.08 15.43 15.63
N LYS A 176 -6.46 16.51 14.95
CA LYS A 176 -7.57 17.36 15.37
C LYS A 176 -8.73 17.15 14.42
N MET A 177 -8.47 16.45 13.32
CA MET A 177 -9.50 16.16 12.33
C MET A 177 -9.24 14.71 12.00
N ARG A 178 -10.28 13.87 11.98
CA ARG A 178 -10.10 12.45 11.70
C ARG A 178 -9.44 12.13 10.36
N ASP A 179 -9.59 13.01 9.38
CA ASP A 179 -8.97 12.74 8.10
C ASP A 179 -7.44 12.80 8.18
N GLU A 180 -6.91 13.48 9.19
CA GLU A 180 -5.46 13.57 9.38
C GLU A 180 -4.96 12.19 9.88
N THR A 181 -5.80 11.54 10.68
CA THR A 181 -5.53 10.22 11.25
C THR A 181 -5.51 9.22 10.08
N TYR A 182 -6.50 9.34 9.20
CA TYR A 182 -6.64 8.49 8.04
C TYR A 182 -5.50 8.70 7.05
N LYS A 183 -5.14 9.96 6.85
CA LYS A 183 -4.07 10.32 5.94
C LYS A 183 -2.70 9.85 6.47
N ALA A 184 -2.45 10.05 7.75
CA ALA A 184 -1.20 9.64 8.36
C ALA A 184 -0.99 8.16 8.14
N PHE A 185 -2.04 7.39 8.33
CA PHE A 185 -1.98 5.95 8.14
C PHE A 185 -1.66 5.57 6.70
N GLU A 186 -2.41 6.16 5.77
CA GLU A 186 -2.22 5.88 4.36
C GLU A 186 -0.80 6.25 3.94
N ASN A 187 -0.25 7.31 4.54
CA ASN A 187 1.11 7.74 4.23
C ASN A 187 2.15 6.74 4.73
N ILE A 188 1.90 6.17 5.90
CA ILE A 188 2.82 5.20 6.50
C ILE A 188 2.71 3.79 5.93
N TYR A 189 1.52 3.39 5.48
CA TYR A 189 1.33 2.04 4.96
C TYR A 189 2.44 1.54 4.01
N PRO A 190 2.74 2.30 2.93
CA PRO A 190 3.79 1.87 2.01
C PRO A 190 5.15 1.72 2.70
N VAL A 191 5.36 2.50 3.77
CA VAL A 191 6.61 2.44 4.52
C VAL A 191 6.64 1.17 5.37
N LEU A 192 5.51 0.80 5.96
CA LEU A 192 5.45 -0.42 6.77
C LEU A 192 5.67 -1.66 5.90
N SER A 193 5.10 -1.63 4.69
CA SER A 193 5.22 -2.71 3.71
C SER A 193 6.67 -2.89 3.28
N GLU A 194 7.34 -1.79 3.01
CA GLU A 194 8.72 -1.83 2.63
C GLU A 194 9.58 -2.50 3.69
N PHE A 195 9.16 -2.38 4.95
CA PHE A 195 9.89 -2.96 6.05
C PHE A 195 9.17 -4.10 6.75
N ARG A 196 8.40 -4.87 5.98
CA ARG A 196 7.69 -6.04 6.50
C ARG A 196 8.74 -7.05 6.90
N LYS A 197 8.59 -7.64 8.08
CA LYS A 197 9.52 -8.62 8.58
C LYS A 197 9.22 -9.99 7.99
N ILE A 198 10.19 -10.51 7.24
CA ILE A 198 10.07 -11.82 6.60
C ILE A 198 10.94 -12.86 7.30
N VAL B 12 -2.79 4.61 -6.11
CA VAL B 12 -2.43 3.15 -6.13
C VAL B 12 -3.26 2.35 -5.13
N ASP B 13 -3.68 1.16 -5.55
CA ASP B 13 -4.47 0.28 -4.71
C ASP B 13 -3.51 -0.45 -3.81
N LEU B 14 -3.24 0.13 -2.65
CA LEU B 14 -2.32 -0.46 -1.68
C LEU B 14 -2.83 -1.80 -1.16
N SER B 15 -4.06 -2.13 -1.49
CA SER B 15 -4.63 -3.41 -1.06
C SER B 15 -4.14 -4.51 -2.02
N LYS B 16 -3.64 -4.08 -3.18
CA LYS B 16 -3.11 -4.96 -4.22
C LYS B 16 -1.62 -4.70 -4.39
N HIS B 17 -1.18 -3.52 -3.99
CA HIS B 17 0.22 -3.13 -4.10
C HIS B 17 0.59 -2.36 -2.84
N PRO B 18 0.72 -3.07 -1.71
CA PRO B 18 1.07 -2.54 -0.39
C PRO B 18 2.31 -1.67 -0.41
N SER B 19 3.24 -2.02 -1.28
CA SER B 19 4.49 -1.27 -1.44
C SER B 19 4.20 0.12 -1.97
N GLY B 20 3.12 0.23 -2.72
CA GLY B 20 2.76 1.50 -3.33
C GLY B 20 3.38 1.65 -4.69
N ILE B 21 4.06 0.61 -5.14
CA ILE B 21 4.73 0.62 -6.43
C ILE B 21 4.05 -0.40 -7.32
N VAL B 22 3.74 -0.01 -8.55
CA VAL B 22 3.10 -0.94 -9.47
C VAL B 22 4.02 -1.25 -10.66
N PRO B 23 4.45 -2.52 -10.82
CA PRO B 23 5.32 -2.85 -11.94
C PRO B 23 4.62 -2.49 -13.26
N THR B 24 5.39 -2.02 -14.22
CA THR B 24 4.89 -1.66 -15.54
C THR B 24 5.03 -2.85 -16.49
N LEU B 25 3.94 -3.28 -17.11
CA LEU B 25 4.00 -4.39 -18.05
C LEU B 25 4.70 -3.83 -19.29
N GLN B 26 5.67 -4.57 -19.83
CA GLN B 26 6.47 -4.12 -20.96
C GLN B 26 6.39 -4.95 -22.23
N ASN B 27 6.03 -6.21 -22.08
CA ASN B 27 5.97 -7.13 -23.19
C ASN B 27 5.08 -8.28 -22.79
N ILE B 28 4.25 -8.71 -23.71
CA ILE B 28 3.34 -9.82 -23.48
C ILE B 28 3.53 -10.80 -24.63
N VAL B 29 3.65 -12.08 -24.33
CA VAL B 29 3.78 -13.10 -25.36
C VAL B 29 2.52 -13.94 -25.26
N SER B 30 1.91 -14.24 -26.39
CA SER B 30 0.70 -15.05 -26.39
C SER B 30 0.67 -15.95 -27.60
N THR B 31 -0.19 -16.95 -27.56
CA THR B 31 -0.32 -17.87 -28.68
C THR B 31 -1.79 -18.09 -28.98
N VAL B 32 -2.04 -18.53 -30.21
CA VAL B 32 -3.37 -18.84 -30.65
C VAL B 32 -3.21 -19.86 -31.75
N ASN B 33 -4.28 -20.64 -31.94
CA ASN B 33 -4.32 -21.66 -32.97
C ASN B 33 -5.27 -21.19 -34.06
N LEU B 34 -4.74 -20.88 -35.23
CA LEU B 34 -5.59 -20.46 -36.35
C LEU B 34 -6.41 -21.68 -36.78
N ASP B 35 -5.98 -22.85 -36.32
CA ASP B 35 -6.69 -24.08 -36.60
C ASP B 35 -6.87 -24.37 -38.08
N CYS B 36 -5.79 -24.22 -38.84
CA CYS B 36 -5.83 -24.49 -40.28
C CYS B 36 -4.43 -24.45 -40.84
N LYS B 37 -4.15 -25.37 -41.76
CA LYS B 37 -2.84 -25.48 -42.41
C LYS B 37 -2.57 -24.25 -43.26
N LEU B 38 -1.36 -23.72 -43.17
CA LEU B 38 -0.99 -22.53 -43.91
C LEU B 38 0.14 -22.69 -44.93
N ASP B 39 0.02 -21.97 -46.04
CA ASP B 39 1.03 -21.99 -47.10
C ASP B 39 1.83 -20.72 -46.88
N LEU B 40 2.99 -20.88 -46.24
CA LEU B 40 3.84 -19.76 -45.91
C LEU B 40 4.48 -18.99 -47.05
N LYS B 41 4.85 -19.68 -48.13
CA LYS B 41 5.44 -19.01 -49.31
C LYS B 41 4.37 -18.07 -49.85
N ALA B 42 3.15 -18.60 -49.98
CA ALA B 42 2.01 -17.85 -50.48
C ALA B 42 1.84 -16.60 -49.63
N ILE B 43 1.64 -16.81 -48.33
CA ILE B 43 1.44 -15.72 -47.37
C ILE B 43 2.54 -14.65 -47.47
N ALA B 44 3.78 -15.11 -47.43
CA ALA B 44 4.92 -14.20 -47.50
C ALA B 44 4.98 -13.43 -48.84
N LEU B 45 4.39 -14.02 -49.87
CA LEU B 45 4.37 -13.38 -51.17
C LEU B 45 3.29 -12.29 -51.29
N GLN B 46 2.16 -12.48 -50.62
CA GLN B 46 1.06 -11.53 -50.69
C GLN B 46 1.03 -10.47 -49.61
N ALA B 47 1.29 -10.87 -48.37
CA ALA B 47 1.27 -9.92 -47.24
C ALA B 47 2.31 -8.81 -47.38
N ARG B 48 3.34 -9.07 -48.19
CA ARG B 48 4.42 -8.13 -48.46
C ARG B 48 5.21 -7.69 -47.20
N ASN B 49 4.57 -7.00 -46.25
CA ASN B 49 5.27 -6.59 -45.04
C ASN B 49 5.54 -7.78 -44.09
N ALA B 50 5.76 -8.94 -44.70
CA ALA B 50 6.01 -10.20 -44.00
C ALA B 50 7.39 -10.74 -44.42
N GLU B 51 8.13 -11.29 -43.46
CA GLU B 51 9.45 -11.86 -43.72
C GLU B 51 9.33 -13.37 -43.65
N TYR B 52 10.04 -14.06 -44.53
CA TYR B 52 10.02 -15.52 -44.53
C TYR B 52 11.34 -16.04 -45.09
N ASN B 53 12.16 -16.59 -44.19
CA ASN B 53 13.45 -17.15 -44.56
C ASN B 53 13.44 -18.52 -43.92
N PRO B 54 12.80 -19.50 -44.58
CA PRO B 54 12.70 -20.88 -44.09
C PRO B 54 14.01 -21.53 -43.63
N LYS B 55 15.14 -21.11 -44.20
CA LYS B 55 16.45 -21.63 -43.82
C LYS B 55 16.91 -21.05 -42.48
N ARG B 56 16.31 -19.94 -42.09
CA ARG B 56 16.66 -19.22 -40.87
C ARG B 56 15.73 -19.55 -39.69
N PHE B 57 14.44 -19.64 -39.98
CA PHE B 57 13.45 -19.95 -38.97
C PHE B 57 12.23 -20.43 -39.72
N ALA B 58 11.46 -21.34 -39.12
CA ALA B 58 10.27 -21.91 -39.74
C ALA B 58 9.01 -21.06 -39.71
N ALA B 59 9.13 -19.74 -39.60
CA ALA B 59 7.94 -18.92 -39.52
C ALA B 59 7.94 -17.71 -40.43
N VAL B 60 6.72 -17.22 -40.68
CA VAL B 60 6.50 -15.99 -41.44
C VAL B 60 6.42 -14.96 -40.30
N ILE B 61 7.27 -13.95 -40.36
CA ILE B 61 7.31 -12.91 -39.36
C ILE B 61 6.47 -11.77 -39.92
N MET B 62 5.42 -11.40 -39.20
CA MET B 62 4.53 -10.33 -39.63
C MET B 62 4.45 -9.30 -38.51
N ARG B 63 4.39 -8.02 -38.84
CA ARG B 63 4.30 -6.97 -37.84
C ARG B 63 3.20 -5.97 -38.15
N ILE B 64 2.48 -5.53 -37.12
CA ILE B 64 1.46 -4.52 -37.32
C ILE B 64 1.84 -3.32 -36.45
N ARG B 65 1.30 -2.17 -36.78
CA ARG B 65 1.61 -0.95 -36.07
C ARG B 65 0.80 -0.69 -34.80
N GLU B 66 -0.46 -1.11 -34.77
CA GLU B 66 -1.30 -0.90 -33.58
C GLU B 66 -2.19 -2.09 -33.25
N PRO B 67 -1.97 -2.75 -32.10
CA PRO B 67 -0.92 -2.42 -31.14
C PRO B 67 0.38 -2.95 -31.68
N LYS B 68 1.45 -2.18 -31.54
CA LYS B 68 2.76 -2.53 -32.06
C LYS B 68 3.13 -3.92 -31.61
N THR B 69 3.08 -4.87 -32.53
CA THR B 69 3.42 -6.26 -32.21
C THR B 69 4.13 -6.95 -33.37
N THR B 70 4.57 -8.18 -33.12
CA THR B 70 5.23 -9.02 -34.10
C THR B 70 4.64 -10.41 -33.89
N ALA B 71 4.19 -11.05 -34.95
CA ALA B 71 3.63 -12.40 -34.87
C ALA B 71 4.55 -13.33 -35.62
N LEU B 72 4.57 -14.59 -35.20
CA LEU B 72 5.36 -15.63 -35.85
C LEU B 72 4.26 -16.60 -36.29
N ILE B 73 4.10 -16.77 -37.59
CA ILE B 73 3.07 -17.64 -38.12
C ILE B 73 3.68 -18.90 -38.70
N PHE B 74 3.18 -20.05 -38.24
CA PHE B 74 3.68 -21.37 -38.63
C PHE B 74 2.75 -22.13 -39.58
N ALA B 75 3.33 -22.98 -40.41
CA ALA B 75 2.59 -23.79 -41.37
C ALA B 75 1.48 -24.60 -40.70
N SER B 76 1.69 -24.93 -39.43
CA SER B 76 0.75 -25.70 -38.61
C SER B 76 -0.52 -24.92 -38.23
N GLY B 77 -0.50 -23.60 -38.44
CA GLY B 77 -1.66 -22.80 -38.09
C GLY B 77 -1.52 -22.12 -36.74
N LYS B 78 -0.49 -22.47 -35.99
CA LYS B 78 -0.26 -21.84 -34.69
C LYS B 78 0.49 -20.51 -34.83
N MET B 79 0.14 -19.56 -33.97
CA MET B 79 0.78 -18.24 -34.02
C MET B 79 1.21 -17.69 -32.65
N VAL B 80 2.38 -17.07 -32.63
CA VAL B 80 2.94 -16.45 -31.46
C VAL B 80 2.83 -14.94 -31.65
N CYS B 81 2.30 -14.23 -30.65
CA CYS B 81 2.18 -12.79 -30.71
C CYS B 81 3.08 -12.21 -29.61
N THR B 82 4.01 -11.32 -29.97
CA THR B 82 4.95 -10.74 -29.01
C THR B 82 4.99 -9.21 -29.07
N GLY B 83 5.45 -8.56 -28.00
CA GLY B 83 5.57 -7.12 -28.03
C GLY B 83 4.48 -6.22 -27.47
N ALA B 84 3.26 -6.74 -27.34
CA ALA B 84 2.16 -5.97 -26.78
C ALA B 84 2.44 -5.53 -25.33
N LYS B 85 1.83 -4.43 -24.91
CA LYS B 85 2.05 -3.92 -23.56
C LYS B 85 1.03 -4.44 -22.57
N SER B 86 0.05 -5.20 -23.04
CA SER B 86 -0.93 -5.74 -22.12
C SER B 86 -1.62 -6.93 -22.75
N GLU B 87 -2.32 -7.69 -21.90
CA GLU B 87 -3.08 -8.87 -22.28
C GLU B 87 -4.17 -8.53 -23.30
N ASP B 88 -4.89 -7.43 -23.05
CA ASP B 88 -5.94 -6.99 -23.96
C ASP B 88 -5.38 -6.62 -25.33
N PHE B 89 -4.29 -5.85 -25.33
CA PHE B 89 -3.63 -5.45 -26.56
C PHE B 89 -3.08 -6.63 -27.31
N SER B 90 -2.52 -7.60 -26.58
CA SER B 90 -1.97 -8.80 -27.18
C SER B 90 -3.05 -9.62 -27.87
N LYS B 91 -4.23 -9.71 -27.27
CA LYS B 91 -5.34 -10.47 -27.84
C LYS B 91 -5.86 -9.76 -29.10
N MET B 92 -6.01 -8.44 -28.98
CA MET B 92 -6.46 -7.59 -30.07
C MET B 92 -5.52 -7.72 -31.28
N ALA B 93 -4.22 -7.64 -31.03
CA ALA B 93 -3.22 -7.76 -32.10
C ALA B 93 -3.29 -9.14 -32.77
N ALA B 94 -3.48 -10.18 -31.97
CA ALA B 94 -3.57 -11.53 -32.49
C ALA B 94 -4.79 -11.69 -33.37
N ARG B 95 -5.87 -10.98 -33.03
CA ARG B 95 -7.12 -11.03 -33.80
C ARG B 95 -6.96 -10.38 -35.18
N LYS B 96 -6.15 -9.33 -35.26
CA LYS B 96 -5.90 -8.63 -36.53
C LYS B 96 -5.09 -9.53 -37.47
N TYR B 97 -4.10 -10.25 -36.94
CA TYR B 97 -3.27 -11.17 -37.74
C TYR B 97 -4.14 -12.31 -38.26
N ALA B 98 -5.04 -12.83 -37.41
CA ALA B 98 -5.94 -13.92 -37.80
C ALA B 98 -6.79 -13.48 -38.98
N ARG B 99 -7.19 -12.21 -38.96
CA ARG B 99 -8.00 -11.59 -40.00
C ARG B 99 -7.17 -11.30 -41.25
N ILE B 100 -5.88 -11.00 -41.05
CA ILE B 100 -4.96 -10.76 -42.15
C ILE B 100 -4.83 -12.07 -42.92
N VAL B 101 -4.64 -13.15 -42.18
CA VAL B 101 -4.50 -14.49 -42.74
C VAL B 101 -5.82 -14.88 -43.42
N GLN B 102 -6.93 -14.62 -42.75
CA GLN B 102 -8.24 -14.93 -43.34
C GLN B 102 -8.35 -14.23 -44.68
N LYS B 103 -8.08 -12.93 -44.72
CA LYS B 103 -8.15 -12.19 -45.96
C LYS B 103 -7.19 -12.71 -47.03
N LEU B 104 -6.22 -13.51 -46.59
CA LEU B 104 -5.26 -14.09 -47.52
C LEU B 104 -5.84 -15.36 -48.15
N GLY B 105 -7.11 -15.65 -47.85
CA GLY B 105 -7.76 -16.82 -48.40
C GLY B 105 -7.65 -18.08 -47.56
N PHE B 106 -7.21 -17.96 -46.31
CA PHE B 106 -7.10 -19.10 -45.44
C PHE B 106 -8.18 -19.01 -44.41
N PRO B 107 -8.93 -20.11 -44.20
CA PRO B 107 -10.04 -20.21 -43.23
C PRO B 107 -9.53 -20.29 -41.78
N ALA B 108 -8.78 -19.27 -41.38
CA ALA B 108 -8.19 -19.20 -40.06
C ALA B 108 -9.24 -18.94 -39.01
N LYS B 109 -9.04 -19.54 -37.84
CA LYS B 109 -9.94 -19.37 -36.69
C LYS B 109 -9.19 -18.72 -35.56
N PHE B 110 -9.67 -18.89 -34.33
CA PHE B 110 -9.02 -18.27 -33.18
C PHE B 110 -9.26 -19.18 -31.97
N LYS B 111 -8.67 -20.36 -32.07
CA LYS B 111 -8.77 -21.42 -31.08
C LYS B 111 -7.66 -21.40 -30.02
N ASP B 112 -8.06 -21.49 -28.76
CA ASP B 112 -7.14 -21.54 -27.62
C ASP B 112 -6.16 -20.38 -27.42
N PHE B 113 -6.66 -19.14 -27.48
CA PHE B 113 -5.79 -18.00 -27.26
C PHE B 113 -5.22 -18.08 -25.84
N LYS B 114 -3.92 -17.95 -25.69
CA LYS B 114 -3.33 -18.02 -24.37
C LYS B 114 -2.18 -17.05 -24.13
N ILE B 115 -2.18 -16.41 -22.96
CA ILE B 115 -1.11 -15.49 -22.55
C ILE B 115 -0.05 -16.43 -21.99
N GLN B 116 1.11 -16.47 -22.62
CA GLN B 116 2.21 -17.36 -22.23
C GLN B 116 3.28 -16.72 -21.34
N ASN B 117 3.56 -15.43 -21.56
CA ASN B 117 4.56 -14.73 -20.78
C ASN B 117 4.21 -13.25 -20.65
N ILE B 118 4.47 -12.70 -19.47
CA ILE B 118 4.24 -11.30 -19.15
C ILE B 118 5.54 -10.80 -18.53
N VAL B 119 6.09 -9.73 -19.08
CA VAL B 119 7.32 -9.15 -18.59
C VAL B 119 7.00 -7.76 -18.06
N GLY B 120 7.41 -7.46 -16.83
CA GLY B 120 7.17 -6.15 -16.28
C GLY B 120 8.47 -5.62 -15.68
N SER B 121 8.45 -4.40 -15.20
CA SER B 121 9.63 -3.83 -14.58
C SER B 121 9.25 -2.68 -13.68
N CYS B 122 10.05 -2.45 -12.65
CA CYS B 122 9.80 -1.34 -11.74
C CYS B 122 11.10 -0.82 -11.19
N ASP B 123 11.00 0.05 -10.20
CA ASP B 123 12.15 0.69 -9.61
C ASP B 123 11.81 0.92 -8.14
N VAL B 124 12.59 0.30 -7.26
CA VAL B 124 12.37 0.45 -5.82
C VAL B 124 12.84 1.81 -5.35
N LYS B 125 13.61 2.48 -6.20
CA LYS B 125 14.13 3.82 -5.92
C LYS B 125 15.19 3.95 -4.82
N PHE B 126 16.11 2.99 -4.79
CA PHE B 126 17.23 2.98 -3.87
C PHE B 126 18.16 1.90 -4.37
N PRO B 127 19.49 2.10 -4.23
CA PRO B 127 20.52 1.15 -4.67
C PRO B 127 20.46 -0.12 -3.85
N ILE B 128 20.87 -1.23 -4.47
CA ILE B 128 20.82 -2.56 -3.85
C ILE B 128 22.21 -3.24 -3.74
N ARG B 129 22.46 -3.86 -2.59
CA ARG B 129 23.70 -4.58 -2.33
C ARG B 129 23.46 -6.00 -2.80
N LEU B 130 23.70 -6.22 -4.09
CA LEU B 130 23.47 -7.50 -4.73
C LEU B 130 24.28 -8.67 -4.16
N GLU B 131 25.54 -8.44 -3.83
CA GLU B 131 26.38 -9.48 -3.27
C GLU B 131 25.83 -9.95 -1.93
N GLY B 132 25.23 -9.03 -1.18
CA GLY B 132 24.66 -9.34 0.12
C GLY B 132 23.38 -10.13 -0.02
N LEU B 133 22.55 -9.72 -0.98
CA LEU B 133 21.29 -10.41 -1.24
C LEU B 133 21.57 -11.84 -1.71
N ALA B 134 22.50 -11.99 -2.65
CA ALA B 134 22.86 -13.30 -3.17
C ALA B 134 23.37 -14.20 -2.06
N TYR B 135 24.24 -13.63 -1.22
CA TYR B 135 24.83 -14.35 -0.10
C TYR B 135 23.78 -14.90 0.85
N SER B 136 22.81 -14.08 1.21
CA SER B 136 21.76 -14.50 2.11
C SER B 136 20.59 -15.20 1.41
N HIS B 137 20.66 -15.28 0.08
CA HIS B 137 19.62 -15.93 -0.71
C HIS B 137 20.21 -16.80 -1.81
N ALA B 138 21.23 -17.57 -1.43
CA ALA B 138 21.92 -18.46 -2.33
C ALA B 138 21.03 -19.43 -3.08
N ALA B 139 20.00 -19.97 -2.44
CA ALA B 139 19.12 -20.93 -3.10
C ALA B 139 18.24 -20.35 -4.21
N PHE B 140 18.15 -19.04 -4.30
CA PHE B 140 17.33 -18.41 -5.34
C PHE B 140 18.13 -17.48 -6.22
N SER B 141 19.32 -17.10 -5.75
CA SER B 141 20.13 -16.15 -6.49
C SER B 141 21.26 -16.72 -7.31
N SER B 142 21.59 -15.97 -8.36
CA SER B 142 22.68 -16.28 -9.24
C SER B 142 23.21 -14.91 -9.62
N TYR B 143 24.38 -14.59 -9.13
CA TYR B 143 24.97 -13.30 -9.38
C TYR B 143 26.43 -13.43 -9.80
N GLU B 144 26.66 -13.34 -11.11
CA GLU B 144 28.00 -13.41 -11.67
C GLU B 144 28.18 -12.12 -12.48
N PRO B 145 28.51 -11.01 -11.80
CA PRO B 145 28.70 -9.70 -12.44
C PRO B 145 29.63 -9.65 -13.67
N GLU B 146 30.54 -10.61 -13.81
CA GLU B 146 31.42 -10.61 -14.96
C GLU B 146 30.73 -11.19 -16.19
N LEU B 147 29.58 -11.80 -15.97
CA LEU B 147 28.83 -12.39 -17.05
C LEU B 147 27.59 -11.54 -17.35
N PHE B 148 26.97 -11.02 -16.30
CA PHE B 148 25.78 -10.18 -16.43
C PHE B 148 25.69 -9.28 -15.17
N PRO B 149 25.52 -7.97 -15.36
CA PRO B 149 25.42 -6.96 -14.29
C PRO B 149 24.35 -7.20 -13.22
N GLY B 150 23.30 -7.94 -13.56
CA GLY B 150 22.22 -8.16 -12.62
C GLY B 150 22.16 -9.50 -11.97
N LEU B 151 21.57 -9.52 -10.78
CA LEU B 151 21.37 -10.72 -10.01
C LEU B 151 20.07 -11.40 -10.51
N ILE B 152 20.16 -12.68 -10.80
CA ILE B 152 19.01 -13.46 -11.27
C ILE B 152 18.40 -14.08 -10.02
N TYR B 153 17.16 -13.70 -9.72
CA TYR B 153 16.44 -14.21 -8.56
C TYR B 153 15.31 -15.09 -9.03
N ARG B 154 15.44 -16.39 -8.77
CA ARG B 154 14.44 -17.33 -9.17
C ARG B 154 13.53 -17.64 -8.01
N MET B 155 12.44 -16.88 -7.90
CA MET B 155 11.47 -17.07 -6.83
C MET B 155 10.64 -18.35 -7.08
N LYS B 156 10.28 -19.05 -6.01
CA LYS B 156 9.51 -20.29 -6.13
C LYS B 156 8.01 -20.10 -6.02
N VAL B 157 7.59 -19.15 -5.21
CA VAL B 157 6.17 -18.87 -5.03
C VAL B 157 5.94 -17.36 -4.99
N PRO B 158 5.43 -16.79 -6.08
CA PRO B 158 5.08 -17.53 -7.30
C PRO B 158 6.37 -17.82 -8.08
N LYS B 159 6.31 -18.79 -8.97
CA LYS B 159 7.49 -19.15 -9.74
C LYS B 159 7.77 -18.08 -10.78
N ILE B 160 8.55 -17.08 -10.39
CA ILE B 160 8.85 -15.94 -11.26
C ILE B 160 10.34 -15.65 -11.16
N VAL B 161 10.91 -15.17 -12.25
CA VAL B 161 12.34 -14.80 -12.27
C VAL B 161 12.46 -13.27 -12.27
N LEU B 162 13.22 -12.76 -11.31
CA LEU B 162 13.43 -11.33 -11.20
C LEU B 162 14.90 -11.00 -11.52
N LEU B 163 15.15 -9.99 -12.33
CA LEU B 163 16.51 -9.58 -12.64
C LEU B 163 16.66 -8.35 -11.77
N ILE B 164 17.61 -8.36 -10.84
CA ILE B 164 17.79 -7.26 -9.92
C ILE B 164 19.08 -6.48 -10.18
N PHE B 165 18.98 -5.15 -10.21
CA PHE B 165 20.14 -4.33 -10.51
C PHE B 165 20.55 -3.41 -9.36
N VAL B 166 21.83 -3.05 -9.31
CA VAL B 166 22.37 -2.20 -8.26
C VAL B 166 21.58 -0.91 -8.15
N SER B 167 21.09 -0.44 -9.29
CA SER B 167 20.31 0.79 -9.39
C SER B 167 18.99 0.74 -8.64
N GLY B 168 18.45 -0.45 -8.46
CA GLY B 168 17.16 -0.58 -7.79
C GLY B 168 16.11 -0.86 -8.83
N LYS B 169 16.54 -1.01 -10.09
CA LYS B 169 15.67 -1.35 -11.22
C LYS B 169 15.44 -2.86 -11.17
N ILE B 170 14.21 -3.30 -11.48
CA ILE B 170 13.87 -4.71 -11.45
C ILE B 170 13.12 -5.12 -12.70
N VAL B 171 13.47 -6.27 -13.26
CA VAL B 171 12.75 -6.82 -14.41
C VAL B 171 12.09 -8.07 -13.82
N ILE B 172 10.83 -8.31 -14.15
CA ILE B 172 10.11 -9.45 -13.59
C ILE B 172 9.53 -10.22 -14.75
N THR B 173 9.90 -11.48 -14.91
CA THR B 173 9.41 -12.26 -16.05
C THR B 173 8.98 -13.68 -15.70
N GLY B 174 8.20 -14.30 -16.58
CA GLY B 174 7.75 -15.67 -16.33
C GLY B 174 6.29 -15.86 -15.96
N ALA B 175 5.56 -14.77 -15.74
CA ALA B 175 4.16 -14.86 -15.35
C ALA B 175 3.16 -15.11 -16.45
N LYS B 176 2.11 -15.83 -16.10
CA LYS B 176 1.03 -16.11 -17.03
C LYS B 176 -0.20 -15.27 -16.65
N MET B 177 -0.17 -14.66 -15.48
CA MET B 177 -1.24 -13.80 -14.99
C MET B 177 -0.53 -12.61 -14.38
N ARG B 178 -0.94 -11.38 -14.68
CA ARG B 178 -0.28 -10.18 -14.13
C ARG B 178 -0.19 -10.13 -12.58
N ASP B 179 -1.06 -10.87 -11.92
CA ASP B 179 -1.08 -10.93 -10.47
C ASP B 179 0.19 -11.58 -9.93
N GLU B 180 0.81 -12.45 -10.71
CA GLU B 180 2.04 -13.13 -10.28
C GLU B 180 3.20 -12.14 -10.38
N THR B 181 3.10 -11.22 -11.33
CA THR B 181 4.10 -10.18 -11.55
C THR B 181 4.08 -9.26 -10.32
N TYR B 182 2.87 -8.91 -9.88
CA TYR B 182 2.65 -8.04 -8.72
C TYR B 182 3.04 -8.76 -7.44
N LYS B 183 2.64 -10.02 -7.34
CA LYS B 183 2.95 -10.83 -6.17
C LYS B 183 4.46 -10.98 -6.01
N ALA B 184 5.14 -11.32 -7.11
CA ALA B 184 6.58 -11.50 -7.08
C ALA B 184 7.29 -10.23 -6.59
N PHE B 185 6.84 -9.06 -7.05
CA PHE B 185 7.45 -7.81 -6.59
C PHE B 185 7.15 -7.54 -5.12
N GLU B 186 5.89 -7.70 -4.72
CA GLU B 186 5.49 -7.48 -3.34
C GLU B 186 6.24 -8.42 -2.37
N ASN B 187 6.59 -9.60 -2.87
CA ASN B 187 7.34 -10.58 -2.11
C ASN B 187 8.80 -10.17 -2.00
N ILE B 188 9.38 -9.62 -3.06
CA ILE B 188 10.79 -9.26 -3.03
C ILE B 188 11.11 -7.91 -2.40
N TYR B 189 10.16 -6.98 -2.46
CA TYR B 189 10.35 -5.64 -1.94
C TYR B 189 10.87 -5.61 -0.48
N PRO B 190 10.21 -6.34 0.44
CA PRO B 190 10.74 -6.29 1.80
C PRO B 190 12.11 -6.98 1.97
N VAL B 191 12.58 -7.67 0.93
CA VAL B 191 13.89 -8.30 1.02
C VAL B 191 14.89 -7.22 0.60
N LEU B 192 14.64 -6.60 -0.53
CA LEU B 192 15.50 -5.55 -1.07
C LEU B 192 15.81 -4.41 -0.10
N SER B 193 14.85 -4.06 0.76
CA SER B 193 15.08 -2.97 1.74
C SER B 193 16.15 -3.37 2.77
N GLU B 194 16.31 -4.67 2.98
CA GLU B 194 17.32 -5.16 3.90
C GLU B 194 18.72 -5.05 3.28
N PHE B 195 18.79 -4.76 1.98
CA PHE B 195 20.08 -4.66 1.28
C PHE B 195 20.31 -3.38 0.49
N ARG B 196 19.77 -2.27 1.00
CA ARG B 196 19.93 -0.98 0.36
C ARG B 196 21.41 -0.60 0.46
N LYS B 197 21.96 0.02 -0.58
CA LYS B 197 23.34 0.46 -0.56
C LYS B 197 23.36 1.84 0.08
N ILE B 198 23.87 1.93 1.31
CA ILE B 198 23.94 3.23 1.99
C ILE B 198 25.24 3.94 1.64
#